data_8BF0
#
_entry.id   8BF0
#
_cell.length_a   55.259
_cell.length_b   65.111
_cell.length_c   56.713
_cell.angle_alpha   90.000
_cell.angle_beta   104.550
_cell.angle_gamma   90.000
#
_symmetry.space_group_name_H-M   'P 1 21 1'
#
loop_
_entity.id
_entity.type
_entity.pdbx_description
1 polymer 'Anti-dectin-1 15E2 light chain'
2 polymer 'Anti-lox-1 15C4 heavy chain'
3 non-polymer 'CITRIC ACID'
4 non-polymer GLYCEROL
5 water water
#
loop_
_entity_poly.entity_id
_entity_poly.type
_entity_poly.pdbx_seq_one_letter_code
_entity_poly.pdbx_strand_id
1 'polypeptide(L)'
;QIVLTQSPAIMSASPGEKVTMTCSASSSVSYMHWYQQKSGTSPKRWIYDTSKLTSGVPARFSGSGSGTSYSLTISSMEAE
DAATYYCQQWSSNTLTFGAGTKLELKRTVAAPSVFIFPPSDEQLKSGTASVVCLLNNFYPREAKVQWKVDNALQSGNSQE
SVTEQDSKDSTYSLSSTLTLSKADYEKHKVYACEVTHQGLSSPVTKSFNRGEC
;
L
2 'polypeptide(L)'
;EVQLQESGPGLVAPSQSLSITCTVSGFSLISYGVSWVRQPPGKGLEWLGVIWGDGSTNYHSTLISRLSINKDNSKSQVFL
KLNSLQTDDTATYYCVGPRFAYWGQGTLVTVSAASTKGPSVFPLAPSSKSTSGGTAALGCLVKDYFPEPVTVSWNSGALT
SGVHTFPAVLQSSGLYSLSSVVTVPSSSLGTQTYICNVNHKPSNTKVDKRVEPKSC
;
H
#
loop_
_chem_comp.id
_chem_comp.type
_chem_comp.name
_chem_comp.formula
CIT non-polymer 'CITRIC ACID' 'C6 H8 O7'
GOL non-polymer GLYCEROL 'C3 H8 O3'
#
# COMPACT_ATOMS: atom_id res chain seq x y z
N GLN A 1 13.69 18.20 17.15
CA GLN A 1 12.64 18.93 17.90
C GLN A 1 12.02 20.04 17.04
N ILE A 2 12.60 20.27 15.86
CA ILE A 2 12.01 21.22 14.91
C ILE A 2 10.76 20.58 14.31
N VAL A 3 9.61 21.22 14.52
CA VAL A 3 8.34 20.73 14.01
C VAL A 3 8.09 21.29 12.61
N LEU A 4 7.72 20.42 11.69
CA LEU A 4 7.41 20.81 10.32
C LEU A 4 5.92 20.66 10.10
N THR A 5 5.26 21.74 9.66
CA THR A 5 3.83 21.77 9.38
C THR A 5 3.64 21.97 7.89
N GLN A 6 3.00 21.01 7.24
CA GLN A 6 2.76 21.03 5.80
C GLN A 6 1.33 21.45 5.50
N SER A 7 1.17 22.17 4.40
CA SER A 7 -0.15 22.65 3.99
C SER A 7 -0.27 22.68 2.47
N PRO A 8 -1.40 22.28 1.91
CA PRO A 8 -2.58 21.70 2.56
C PRO A 8 -2.36 20.21 2.88
N ALA A 9 -3.19 19.62 3.73
CA ALA A 9 -3.08 18.18 3.98
C ALA A 9 -3.42 17.39 2.74
N ILE A 10 -4.42 17.85 1.98
CA ILE A 10 -4.89 17.14 0.79
C ILE A 10 -5.28 18.18 -0.25
N MET A 11 -4.91 17.92 -1.51
CA MET A 11 -5.28 18.82 -2.59
C MET A 11 -5.44 18.03 -3.88
N SER A 12 -6.22 18.58 -4.80
CA SER A 12 -6.48 17.99 -6.10
C SER A 12 -6.25 19.08 -7.14
N ALA A 13 -5.56 18.74 -8.22
CA ALA A 13 -5.22 19.69 -9.27
C ALA A 13 -5.50 19.06 -10.62
N SER A 14 -6.07 19.85 -11.50
CA SER A 14 -6.37 19.42 -12.86
C SER A 14 -5.08 19.47 -13.66
N PRO A 15 -5.01 18.72 -14.77
CA PRO A 15 -3.81 18.79 -15.61
C PRO A 15 -3.51 20.21 -16.02
N GLY A 16 -2.24 20.55 -15.94
CA GLY A 16 -1.77 21.86 -16.35
C GLY A 16 -1.84 22.95 -15.29
N GLU A 17 -2.46 22.67 -14.15
CA GLU A 17 -2.57 23.68 -13.11
C GLU A 17 -1.25 23.81 -12.35
N LYS A 18 -0.95 25.03 -11.91
CA LYS A 18 0.21 25.25 -11.05
C LYS A 18 -0.11 24.84 -9.61
N VAL A 19 0.72 23.98 -9.04
CA VAL A 19 0.51 23.42 -7.71
C VAL A 19 1.60 23.93 -6.80
N THR A 20 1.22 24.44 -5.63
CA THR A 20 2.20 24.84 -4.61
C THR A 20 1.76 24.27 -3.27
N MET A 21 2.69 23.58 -2.59
CA MET A 21 2.50 23.12 -1.22
C MET A 21 3.60 23.72 -0.34
N THR A 22 3.29 23.89 0.94
CA THR A 22 4.15 24.66 1.83
C THR A 22 4.56 23.82 3.04
N CYS A 23 5.73 24.13 3.58
CA CYS A 23 6.28 23.52 4.78
C CYS A 23 6.82 24.63 5.65
N SER A 24 6.24 24.80 6.83
CA SER A 24 6.69 25.82 7.78
C SER A 24 7.29 25.15 9.02
N ALA A 25 8.42 25.66 9.49
CA ALA A 25 9.13 25.06 10.61
C ALA A 25 8.96 25.92 11.86
N SER A 26 9.05 25.25 13.03
CA SER A 26 8.94 25.96 14.31
C SER A 26 10.22 26.73 14.64
N SER A 27 11.33 26.40 14.01
CA SER A 27 12.61 27.08 14.22
C SER A 27 13.32 27.18 12.88
N SER A 28 14.28 28.09 12.83
CA SER A 28 15.00 28.34 11.59
C SER A 28 15.72 27.08 11.11
N VAL A 29 15.66 26.85 9.81
CA VAL A 29 16.28 25.68 9.18
C VAL A 29 17.17 26.14 8.04
N SER A 30 18.32 25.48 7.88
CA SER A 30 19.26 25.90 6.85
C SER A 30 18.87 25.38 5.47
N TYR A 31 18.31 24.17 5.40
CA TYR A 31 17.92 23.57 4.13
C TYR A 31 16.68 22.73 4.37
N MET A 32 15.81 22.66 3.36
CA MET A 32 14.63 21.81 3.40
C MET A 32 14.75 20.77 2.28
N HIS A 33 14.29 19.55 2.54
CA HIS A 33 14.29 18.48 1.55
C HIS A 33 12.88 17.95 1.41
N TRP A 34 12.59 17.33 0.27
CA TRP A 34 11.26 16.82 -0.05
C TRP A 34 11.37 15.43 -0.66
N TYR A 35 10.46 14.56 -0.25
CA TYR A 35 10.39 13.18 -0.70
C TYR A 35 9.01 12.92 -1.31
N GLN A 36 8.99 12.10 -2.36
CA GLN A 36 7.76 11.64 -2.96
C GLN A 36 7.54 10.17 -2.64
N GLN A 37 6.33 9.82 -2.26
CA GLN A 37 5.99 8.42 -2.00
C GLN A 37 4.68 8.06 -2.68
N LYS A 38 4.71 6.93 -3.37
CA LYS A 38 3.58 6.34 -4.05
C LYS A 38 3.26 4.98 -3.46
N SER A 39 2.08 4.48 -3.78
CA SER A 39 1.57 3.26 -3.13
C SER A 39 2.58 2.12 -3.20
N GLY A 40 2.89 1.58 -2.02
CA GLY A 40 3.70 0.38 -1.93
C GLY A 40 5.15 0.54 -2.32
N THR A 41 5.74 1.71 -2.04
CA THR A 41 7.14 1.91 -2.39
C THR A 41 7.80 2.81 -1.35
N SER A 42 9.12 2.69 -1.26
CA SER A 42 9.89 3.53 -0.35
C SER A 42 9.82 4.99 -0.79
N PRO A 43 9.94 5.91 0.16
CA PRO A 43 10.03 7.32 -0.22
C PRO A 43 11.24 7.56 -1.11
N LYS A 44 11.07 8.49 -2.06
CA LYS A 44 12.13 8.85 -3.00
C LYS A 44 12.57 10.29 -2.73
N ARG A 45 13.87 10.49 -2.56
CA ARG A 45 14.41 11.84 -2.45
C ARG A 45 14.12 12.58 -3.75
N TRP A 46 13.38 13.70 -3.64
CA TRP A 46 12.87 14.41 -4.80
C TRP A 46 13.52 15.78 -4.94
N ILE A 47 13.45 16.61 -3.91
CA ILE A 47 14.14 17.89 -3.87
C ILE A 47 15.06 17.86 -2.66
N TYR A 48 16.27 18.40 -2.80
CA TYR A 48 17.18 18.43 -1.67
C TYR A 48 17.90 19.77 -1.68
N ASP A 49 18.41 20.15 -0.51
CA ASP A 49 19.03 21.47 -0.31
C ASP A 49 18.09 22.58 -0.79
N THR A 50 16.82 22.45 -0.44
CA THR A 50 15.78 23.42 -0.71
C THR A 50 15.33 23.49 -2.15
N SER A 51 16.27 23.52 -3.09
CA SER A 51 15.90 23.83 -4.48
C SER A 51 16.59 22.95 -5.52
N LYS A 52 17.35 21.95 -5.14
CA LYS A 52 17.99 21.05 -6.07
C LYS A 52 17.15 19.82 -6.35
N LEU A 53 17.09 19.41 -7.62
CA LEU A 53 16.31 18.25 -8.05
C LEU A 53 17.20 17.01 -8.17
N THR A 54 16.72 15.88 -7.64
CA THR A 54 17.41 14.62 -7.86
C THR A 54 17.31 14.24 -9.34
N SER A 55 18.32 13.50 -9.82
CA SER A 55 18.35 13.12 -11.22
C SER A 55 17.09 12.34 -11.60
N GLY A 56 16.52 12.68 -12.75
CA GLY A 56 15.30 12.06 -13.22
C GLY A 56 14.02 12.79 -12.86
N VAL A 57 14.07 13.76 -11.97
CA VAL A 57 12.88 14.50 -11.58
C VAL A 57 12.56 15.51 -12.68
N PRO A 58 11.32 15.58 -13.17
CA PRO A 58 11.00 16.54 -14.23
C PRO A 58 11.26 17.97 -13.79
N ALA A 59 11.62 18.81 -14.77
CA ALA A 59 11.97 20.20 -14.49
C ALA A 59 10.76 21.06 -14.13
N ARG A 60 9.53 20.52 -14.20
CA ARG A 60 8.39 21.28 -13.72
C ARG A 60 8.34 21.35 -12.19
N PHE A 61 9.10 20.51 -11.50
CA PHE A 61 9.23 20.63 -10.05
C PHE A 61 10.28 21.68 -9.69
N SER A 62 10.00 22.45 -8.64
CA SER A 62 10.97 23.39 -8.09
C SER A 62 10.73 23.51 -6.59
N GLY A 63 11.73 23.98 -5.89
CA GLY A 63 11.63 24.17 -4.46
C GLY A 63 12.22 25.51 -4.08
N SER A 64 11.67 26.09 -3.02
CA SER A 64 12.13 27.41 -2.59
C SER A 64 11.93 27.57 -1.10
N GLY A 65 12.56 28.61 -0.55
CA GLY A 65 12.31 28.96 0.84
C GLY A 65 13.55 29.39 1.60
N SER A 66 13.34 29.86 2.83
CA SER A 66 14.41 30.27 3.73
C SER A 66 13.84 30.34 5.13
N GLY A 67 14.74 30.34 6.11
CA GLY A 67 14.34 30.46 7.49
C GLY A 67 13.32 29.41 7.91
N THR A 68 12.09 29.84 8.18
CA THR A 68 11.05 28.93 8.63
C THR A 68 9.99 28.66 7.56
N SER A 69 10.20 29.14 6.32
CA SER A 69 9.18 29.06 5.29
C SER A 69 9.74 28.41 4.03
N TYR A 70 9.15 27.29 3.60
CA TYR A 70 9.62 26.58 2.41
C TYR A 70 8.41 26.14 1.60
N SER A 71 8.65 25.80 0.35
CA SER A 71 7.56 25.38 -0.53
C SER A 71 8.09 24.56 -1.69
N LEU A 72 7.23 23.69 -2.20
CA LEU A 72 7.47 22.91 -3.40
C LEU A 72 6.39 23.22 -4.43
N THR A 73 6.79 23.44 -5.68
CA THR A 73 5.87 23.86 -6.74
C THR A 73 6.02 22.96 -7.94
N ILE A 74 4.89 22.57 -8.53
CA ILE A 74 4.85 21.97 -9.85
C ILE A 74 4.23 22.97 -10.80
N SER A 75 4.96 23.32 -11.85
CA SER A 75 4.48 24.35 -12.76
C SER A 75 3.21 23.91 -13.48
N SER A 76 3.12 22.62 -13.80
CA SER A 76 2.01 22.10 -14.60
C SER A 76 1.75 20.68 -14.11
N MET A 77 0.64 20.51 -13.41
CA MET A 77 0.28 19.21 -12.82
C MET A 77 0.16 18.14 -13.93
N GLU A 78 0.76 16.97 -13.68
CA GLU A 78 0.63 15.82 -14.56
C GLU A 78 0.18 14.60 -13.77
N ALA A 79 -0.42 13.63 -14.47
CA ALA A 79 -0.95 12.45 -13.79
C ALA A 79 0.10 11.74 -12.94
N GLU A 80 1.32 11.59 -13.47
CA GLU A 80 2.36 10.89 -12.72
C GLU A 80 2.79 11.62 -11.46
N ASP A 81 2.36 12.87 -11.28
CA ASP A 81 2.73 13.64 -10.09
C ASP A 81 1.84 13.34 -8.89
N ALA A 82 0.71 12.65 -9.08
CA ALA A 82 -0.15 12.31 -7.95
C ALA A 82 0.61 11.40 -6.99
N ALA A 83 0.67 11.81 -5.72
CA ALA A 83 1.49 11.11 -4.73
C ALA A 83 1.41 11.83 -3.39
N THR A 84 2.11 11.33 -2.38
CA THR A 84 2.24 12.05 -1.12
C THR A 84 3.63 12.63 -1.07
N TYR A 85 3.72 13.90 -0.67
CA TYR A 85 4.99 14.62 -0.58
C TYR A 85 5.26 14.97 0.88
N TYR A 86 6.46 14.62 1.36
CA TYR A 86 6.88 14.88 2.73
C TYR A 86 8.08 15.83 2.73
N CYS A 87 7.97 16.94 3.45
CA CYS A 87 9.16 17.74 3.70
C CYS A 87 9.97 17.14 4.87
N GLN A 88 11.27 17.48 4.92
CA GLN A 88 12.20 16.84 5.85
C GLN A 88 13.36 17.79 6.12
N GLN A 89 13.77 17.83 7.38
CA GLN A 89 14.89 18.67 7.80
C GLN A 89 15.81 17.88 8.72
N TRP A 90 17.08 18.30 8.78
CA TRP A 90 18.05 17.69 9.69
C TRP A 90 19.03 18.76 10.14
N SER A 91 18.49 19.91 10.51
CA SER A 91 19.29 21.04 10.98
C SER A 91 19.55 20.99 12.49
N SER A 92 19.19 19.89 13.14
CA SER A 92 19.52 19.64 14.53
C SER A 92 19.72 18.14 14.69
N ASN A 93 19.97 17.70 15.92
CA ASN A 93 20.36 16.31 16.12
C ASN A 93 19.27 15.36 15.64
N THR A 94 18.02 15.73 15.82
CA THR A 94 16.91 14.85 15.48
C THR A 94 16.33 15.25 14.12
N LEU A 95 16.32 14.29 13.19
CA LEU A 95 15.70 14.47 11.89
C LEU A 95 14.19 14.37 12.03
N THR A 96 13.47 15.29 11.37
CA THR A 96 12.01 15.31 11.45
C THR A 96 11.42 15.43 10.05
N PHE A 97 10.18 14.94 9.92
CA PHE A 97 9.40 14.99 8.72
C PHE A 97 8.12 15.81 8.94
N GLY A 98 7.63 16.44 7.88
CA GLY A 98 6.28 16.94 7.89
C GLY A 98 5.29 15.78 7.82
N ALA A 99 4.01 16.07 8.07
CA ALA A 99 2.95 15.07 8.04
C ALA A 99 2.49 14.74 6.62
N GLY A 100 2.95 15.47 5.61
CA GLY A 100 2.69 15.11 4.24
C GLY A 100 1.57 15.91 3.62
N THR A 101 1.68 16.10 2.30
CA THR A 101 0.61 16.63 1.48
C THR A 101 0.26 15.57 0.44
N LYS A 102 -1.00 15.14 0.43
CA LYS A 102 -1.48 14.14 -0.53
C LYS A 102 -2.08 14.87 -1.74
N LEU A 103 -1.48 14.66 -2.91
CA LEU A 103 -1.81 15.39 -4.12
C LEU A 103 -2.47 14.42 -5.10
N GLU A 104 -3.68 14.77 -5.52
CA GLU A 104 -4.48 13.97 -6.43
C GLU A 104 -4.61 14.70 -7.77
N LEU A 105 -4.71 13.92 -8.84
CA LEU A 105 -5.01 14.44 -10.16
C LEU A 105 -6.52 14.54 -10.36
N LYS A 106 -7.00 15.75 -10.62
CA LYS A 106 -8.42 15.95 -10.85
C LYS A 106 -8.72 15.74 -12.33
N ARG A 107 -9.38 14.62 -12.67
CA ARG A 107 -9.72 14.31 -14.05
C ARG A 107 -11.24 14.34 -14.26
N THR A 108 -11.64 13.97 -15.47
CA THR A 108 -13.06 13.92 -15.79
C THR A 108 -13.72 12.76 -15.04
N VAL A 109 -15.05 12.85 -14.89
CA VAL A 109 -15.79 11.76 -14.27
C VAL A 109 -15.67 10.50 -15.12
N ALA A 110 -15.52 9.35 -14.47
CA ALA A 110 -15.51 8.06 -15.14
C ALA A 110 -16.39 7.11 -14.34
N ALA A 111 -17.38 6.53 -14.99
CA ALA A 111 -18.25 5.58 -14.30
C ALA A 111 -17.50 4.27 -14.07
N PRO A 112 -17.74 3.59 -12.96
CA PRO A 112 -17.10 2.28 -12.76
C PRO A 112 -17.66 1.23 -13.70
N SER A 113 -16.79 0.34 -14.15
CA SER A 113 -17.23 -0.93 -14.73
C SER A 113 -17.40 -1.91 -13.57
N VAL A 114 -18.57 -2.55 -13.46
CA VAL A 114 -18.93 -3.34 -12.27
C VAL A 114 -18.97 -4.81 -12.66
N PHE A 115 -18.32 -5.63 -11.84
CA PHE A 115 -18.23 -7.07 -12.02
C PHE A 115 -18.53 -7.77 -10.69
N ILE A 116 -19.24 -8.91 -10.77
CA ILE A 116 -19.59 -9.67 -9.57
C ILE A 116 -19.03 -11.08 -9.73
N PHE A 117 -18.50 -11.63 -8.63
CA PHE A 117 -17.86 -12.94 -8.60
C PHE A 117 -18.51 -13.82 -7.56
N PRO A 118 -19.11 -14.94 -7.93
CA PRO A 118 -19.60 -15.89 -6.92
C PRO A 118 -18.46 -16.55 -6.17
N PRO A 119 -18.73 -17.15 -5.01
CA PRO A 119 -17.74 -18.03 -4.39
C PRO A 119 -17.36 -19.15 -5.36
N SER A 120 -16.09 -19.50 -5.35
CA SER A 120 -15.61 -20.63 -6.11
C SER A 120 -16.05 -21.94 -5.46
N ASP A 121 -16.17 -22.98 -6.28
CA ASP A 121 -16.46 -24.29 -5.71
C ASP A 121 -15.34 -24.75 -4.78
N GLU A 122 -14.11 -24.34 -5.08
CA GLU A 122 -13.00 -24.65 -4.18
C GLU A 122 -13.24 -24.08 -2.80
N GLN A 123 -13.60 -22.78 -2.72
CA GLN A 123 -13.85 -22.18 -1.42
C GLN A 123 -15.00 -22.88 -0.72
N LEU A 124 -16.11 -23.09 -1.44
CA LEU A 124 -17.28 -23.73 -0.83
C LEU A 124 -16.92 -25.10 -0.26
N LYS A 125 -16.14 -25.87 -1.00
CA LYS A 125 -15.67 -27.17 -0.50
C LYS A 125 -14.82 -26.98 0.74
N SER A 126 -14.02 -25.90 0.80
CA SER A 126 -13.23 -25.66 2.00
C SER A 126 -14.08 -25.23 3.19
N GLY A 127 -15.31 -24.75 2.98
CA GLY A 127 -16.22 -24.46 4.07
C GLY A 127 -16.57 -23.00 4.34
N THR A 128 -16.22 -22.06 3.46
CA THR A 128 -16.58 -20.66 3.61
C THR A 128 -17.20 -20.15 2.32
N ALA A 129 -17.80 -18.95 2.38
CA ALA A 129 -18.40 -18.36 1.18
C ALA A 129 -18.08 -16.88 1.16
N SER A 130 -17.41 -16.42 0.10
CA SER A 130 -17.17 -15.01 -0.15
C SER A 130 -17.70 -14.62 -1.54
N VAL A 131 -18.50 -13.56 -1.58
CA VAL A 131 -18.94 -12.96 -2.83
C VAL A 131 -18.16 -11.67 -3.00
N VAL A 132 -17.62 -11.43 -4.20
CA VAL A 132 -16.82 -10.23 -4.46
C VAL A 132 -17.43 -9.35 -5.55
N CYS A 133 -17.40 -8.04 -5.31
CA CYS A 133 -17.87 -7.03 -6.25
C CYS A 133 -16.72 -6.08 -6.52
N LEU A 134 -16.38 -5.90 -7.79
CA LEU A 134 -15.33 -5.03 -8.26
C LEU A 134 -15.95 -3.84 -8.99
N LEU A 135 -15.54 -2.65 -8.60
CA LEU A 135 -15.86 -1.40 -9.28
C LEU A 135 -14.55 -0.91 -9.89
N ASN A 136 -14.41 -0.98 -11.21
CA ASN A 136 -13.14 -0.75 -11.86
C ASN A 136 -13.08 0.61 -12.56
N ASN A 137 -11.97 1.30 -12.32
CA ASN A 137 -11.53 2.47 -13.07
C ASN A 137 -12.57 3.60 -13.09
N PHE A 138 -12.84 4.15 -11.91
CA PHE A 138 -13.84 5.21 -11.76
C PHE A 138 -13.21 6.44 -11.15
N TYR A 139 -13.90 7.55 -11.33
CA TYR A 139 -13.49 8.84 -10.76
C TYR A 139 -14.70 9.75 -10.68
N PRO A 140 -14.91 10.48 -9.58
CA PRO A 140 -14.06 10.61 -8.40
C PRO A 140 -14.12 9.39 -7.46
N ARG A 141 -13.43 9.47 -6.31
CA ARG A 141 -13.26 8.31 -5.43
C ARG A 141 -14.54 7.90 -4.73
N GLU A 142 -15.45 8.85 -4.50
CA GLU A 142 -16.66 8.55 -3.74
C GLU A 142 -17.55 7.57 -4.48
N ALA A 143 -17.90 6.48 -3.80
CA ALA A 143 -18.74 5.44 -4.40
C ALA A 143 -19.39 4.67 -3.27
N LYS A 144 -20.61 4.19 -3.54
CA LYS A 144 -21.34 3.39 -2.56
C LYS A 144 -21.66 2.04 -3.15
N VAL A 145 -21.49 0.99 -2.33
CA VAL A 145 -21.84 -0.39 -2.69
C VAL A 145 -22.86 -0.92 -1.68
N GLN A 146 -23.94 -1.48 -2.20
CA GLN A 146 -24.95 -2.13 -1.36
C GLN A 146 -25.08 -3.57 -1.84
N TRP A 147 -24.96 -4.51 -0.90
CA TRP A 147 -25.14 -5.92 -1.20
C TRP A 147 -26.58 -6.30 -0.91
N LYS A 148 -27.16 -7.10 -1.80
CA LYS A 148 -28.48 -7.70 -1.59
C LYS A 148 -28.40 -9.20 -1.86
N VAL A 149 -29.10 -9.97 -1.02
CA VAL A 149 -29.23 -11.43 -1.16
C VAL A 149 -30.72 -11.72 -1.15
N ASP A 150 -31.25 -12.22 -2.28
CA ASP A 150 -32.70 -12.41 -2.44
C ASP A 150 -33.43 -11.14 -2.04
N ASN A 151 -32.85 -10.00 -2.40
CA ASN A 151 -33.37 -8.66 -2.14
C ASN A 151 -33.33 -8.23 -0.68
N ALA A 152 -32.63 -8.98 0.18
CA ALA A 152 -32.34 -8.54 1.54
C ALA A 152 -31.11 -7.67 1.55
N LEU A 153 -31.24 -6.44 2.01
CA LEU A 153 -30.07 -5.58 2.19
C LEU A 153 -29.14 -6.15 3.25
N GLN A 154 -27.86 -6.28 2.89
CA GLN A 154 -26.84 -6.80 3.78
C GLN A 154 -26.17 -5.63 4.51
N SER A 155 -26.10 -5.73 5.83
CA SER A 155 -25.48 -4.67 6.62
C SER A 155 -24.51 -5.25 7.65
N GLY A 156 -23.23 -4.88 7.56
CA GLY A 156 -22.26 -5.25 8.57
C GLY A 156 -21.48 -6.50 8.29
N ASN A 157 -21.80 -7.23 7.21
CA ASN A 157 -21.09 -8.45 6.85
C ASN A 157 -20.31 -8.30 5.54
N SER A 158 -19.91 -7.09 5.20
CA SER A 158 -19.04 -6.84 4.06
C SER A 158 -17.91 -5.90 4.46
N GLN A 159 -16.81 -5.99 3.70
CA GLN A 159 -15.66 -5.09 3.86
C GLN A 159 -15.18 -4.66 2.48
N GLU A 160 -14.62 -3.45 2.41
CA GLU A 160 -14.18 -2.95 1.12
C GLU A 160 -12.86 -2.20 1.23
N SER A 161 -12.17 -2.12 0.11
CA SER A 161 -10.98 -1.29 0.06
C SER A 161 -10.78 -0.75 -1.35
N VAL A 162 -9.93 0.28 -1.44
CA VAL A 162 -9.80 1.09 -2.65
C VAL A 162 -8.32 1.26 -2.96
N THR A 163 -7.98 1.18 -4.25
CA THR A 163 -6.59 1.40 -4.65
C THR A 163 -6.26 2.90 -4.64
N GLU A 164 -4.97 3.21 -4.67
CA GLU A 164 -4.56 4.58 -4.87
C GLU A 164 -4.81 4.96 -6.33
N GLN A 165 -4.83 6.25 -6.59
CA GLN A 165 -5.11 6.73 -7.92
C GLN A 165 -4.08 6.15 -8.88
N ASP A 166 -4.58 5.66 -10.00
CA ASP A 166 -3.71 5.13 -11.05
C ASP A 166 -2.82 6.23 -11.62
N SER A 167 -1.53 5.91 -11.77
CA SER A 167 -0.56 6.90 -12.24
C SER A 167 -0.77 7.26 -13.71
N LYS A 168 -1.51 6.45 -14.46
CA LYS A 168 -1.72 6.67 -15.89
C LYS A 168 -3.07 7.31 -16.20
N ASP A 169 -4.17 6.64 -15.83
CA ASP A 169 -5.51 7.13 -16.14
C ASP A 169 -6.18 7.83 -14.96
N SER A 170 -5.48 7.93 -13.82
CA SER A 170 -5.91 8.71 -12.67
C SER A 170 -7.25 8.22 -12.10
N THR A 171 -7.58 6.95 -12.30
CA THR A 171 -8.81 6.41 -11.73
C THR A 171 -8.54 5.61 -10.45
N TYR A 172 -9.62 5.27 -9.76
CA TYR A 172 -9.64 4.41 -8.59
C TYR A 172 -10.37 3.11 -8.93
N SER A 173 -10.08 2.07 -8.19
CA SER A 173 -10.86 0.84 -8.23
C SER A 173 -11.17 0.43 -6.79
N LEU A 174 -12.25 -0.33 -6.63
CA LEU A 174 -12.74 -0.69 -5.31
C LEU A 174 -13.19 -2.15 -5.35
N SER A 175 -12.82 -2.89 -4.32
CA SER A 175 -13.20 -4.28 -4.14
C SER A 175 -13.98 -4.42 -2.85
N SER A 176 -15.15 -5.08 -2.91
CA SER A 176 -15.95 -5.31 -1.72
C SER A 176 -16.25 -6.80 -1.61
N THR A 177 -16.08 -7.36 -0.40
CA THR A 177 -16.31 -8.79 -0.15
C THR A 177 -17.44 -8.92 0.84
N LEU A 178 -18.48 -9.70 0.47
CA LEU A 178 -19.57 -10.11 1.35
C LEU A 178 -19.26 -11.51 1.86
N THR A 179 -19.31 -11.68 3.17
CA THR A 179 -18.96 -12.94 3.82
C THR A 179 -20.22 -13.61 4.30
N LEU A 180 -20.41 -14.86 3.87
CA LEU A 180 -21.51 -15.69 4.35
C LEU A 180 -21.03 -17.08 4.73
N SER A 181 -21.79 -17.70 5.66
CA SER A 181 -21.65 -19.13 5.87
C SER A 181 -22.07 -19.85 4.61
N LYS A 182 -21.55 -21.07 4.45
CA LYS A 182 -21.93 -21.88 3.29
C LYS A 182 -23.42 -22.18 3.29
N ALA A 183 -23.99 -22.45 4.46
CA ALA A 183 -25.42 -22.74 4.55
C ALA A 183 -26.25 -21.55 4.11
N ASP A 184 -25.87 -20.35 4.56
CA ASP A 184 -26.59 -19.13 4.16
CA ASP A 184 -26.60 -19.15 4.15
C ASP A 184 -26.48 -18.91 2.66
N TYR A 185 -25.27 -19.05 2.11
CA TYR A 185 -25.10 -18.86 0.67
C TYR A 185 -25.97 -19.86 -0.09
N GLU A 186 -25.97 -21.11 0.34
CA GLU A 186 -26.67 -22.16 -0.38
CA GLU A 186 -26.67 -22.16 -0.38
C GLU A 186 -28.18 -22.11 -0.23
N LYS A 187 -28.70 -21.33 0.71
CA LYS A 187 -30.14 -21.24 0.85
C LYS A 187 -30.74 -19.99 0.19
N HIS A 188 -29.93 -19.21 -0.54
CA HIS A 188 -30.42 -18.05 -1.27
C HIS A 188 -29.94 -18.13 -2.72
N LYS A 189 -30.65 -17.43 -3.60
CA LYS A 189 -30.46 -17.60 -5.04
C LYS A 189 -29.84 -16.38 -5.73
N VAL A 190 -30.36 -15.19 -5.49
CA VAL A 190 -29.95 -13.99 -6.25
C VAL A 190 -29.00 -13.17 -5.41
N TYR A 191 -27.80 -12.92 -5.95
CA TYR A 191 -26.74 -12.16 -5.28
C TYR A 191 -26.47 -10.93 -6.11
N ALA A 192 -26.60 -9.76 -5.48
CA ALA A 192 -26.49 -8.52 -6.23
C ALA A 192 -25.62 -7.51 -5.50
N CYS A 193 -24.87 -6.76 -6.29
CA CYS A 193 -24.11 -5.60 -5.83
CA CYS A 193 -24.16 -5.59 -5.79
C CYS A 193 -24.64 -4.39 -6.58
N GLU A 194 -25.14 -3.40 -5.84
CA GLU A 194 -25.72 -2.19 -6.42
C GLU A 194 -24.81 -1.01 -6.11
N VAL A 195 -24.43 -0.29 -7.15
CA VAL A 195 -23.36 0.70 -7.09
C VAL A 195 -23.97 2.07 -7.39
N THR A 196 -23.64 3.04 -6.54
CA THR A 196 -24.01 4.42 -6.72
C THR A 196 -22.72 5.20 -6.93
N HIS A 197 -22.70 6.03 -7.98
CA HIS A 197 -21.52 6.81 -8.33
C HIS A 197 -21.95 7.95 -9.24
N GLN A 198 -21.18 9.05 -9.21
CA GLN A 198 -21.55 10.25 -9.95
C GLN A 198 -21.68 9.99 -11.45
N GLY A 199 -20.93 9.03 -11.99
CA GLY A 199 -20.96 8.72 -13.40
C GLY A 199 -22.14 7.88 -13.85
N LEU A 200 -23.03 7.53 -12.93
CA LEU A 200 -24.21 6.73 -13.21
C LEU A 200 -25.44 7.55 -12.89
N SER A 201 -26.37 7.61 -13.85
CA SER A 201 -27.57 8.39 -13.69
C SER A 201 -28.50 7.76 -12.67
N SER A 202 -28.43 6.44 -12.50
CA SER A 202 -29.16 5.69 -11.50
C SER A 202 -28.23 4.59 -11.01
N PRO A 203 -28.42 4.11 -9.78
CA PRO A 203 -27.58 3.00 -9.30
C PRO A 203 -27.65 1.81 -10.24
N VAL A 204 -26.50 1.17 -10.45
CA VAL A 204 -26.37 0.04 -11.37
C VAL A 204 -26.26 -1.22 -10.53
N THR A 205 -27.00 -2.27 -10.92
CA THR A 205 -26.96 -3.54 -10.21
C THR A 205 -26.34 -4.61 -11.10
N LYS A 206 -25.31 -5.28 -10.58
CA LYS A 206 -24.76 -6.48 -11.19
C LYS A 206 -25.13 -7.66 -10.30
N SER A 207 -25.64 -8.72 -10.90
CA SER A 207 -26.15 -9.84 -10.11
C SER A 207 -25.81 -11.17 -10.78
N PHE A 208 -25.90 -12.23 -9.99
CA PHE A 208 -25.89 -13.59 -10.51
C PHE A 208 -26.86 -14.44 -9.71
N ASN A 209 -27.23 -15.57 -10.31
CA ASN A 209 -28.11 -16.57 -9.68
C ASN A 209 -27.28 -17.79 -9.32
N ARG A 210 -27.27 -18.13 -8.02
CA ARG A 210 -26.51 -19.28 -7.56
C ARG A 210 -27.03 -20.55 -8.22
N GLY A 211 -26.10 -21.40 -8.64
CA GLY A 211 -26.43 -22.65 -9.28
C GLY A 211 -26.49 -22.59 -10.79
N GLU A 212 -26.60 -21.40 -11.36
CA GLU A 212 -26.69 -21.22 -12.81
C GLU A 212 -25.27 -21.15 -13.37
N CYS A 213 -24.89 -22.17 -14.14
CA CYS A 213 -23.54 -22.26 -14.67
C CYS A 213 -23.40 -21.51 -15.99
N GLU B 1 25.28 -0.58 -7.86
CA GLU B 1 24.83 0.68 -7.20
C GLU B 1 24.68 0.49 -5.69
N VAL B 2 24.41 1.59 -4.98
CA VAL B 2 24.18 1.50 -3.55
C VAL B 2 22.87 0.77 -3.30
N GLN B 3 22.93 -0.29 -2.50
CA GLN B 3 21.76 -1.08 -2.16
C GLN B 3 21.72 -1.32 -0.65
N LEU B 4 20.51 -1.31 -0.10
CA LEU B 4 20.26 -1.59 1.31
C LEU B 4 19.12 -2.59 1.39
N GLN B 5 19.33 -3.70 2.09
CA GLN B 5 18.33 -4.77 2.15
C GLN B 5 18.03 -5.11 3.60
N GLU B 6 16.76 -5.05 3.96
CA GLU B 6 16.34 -5.37 5.31
C GLU B 6 15.98 -6.85 5.43
N SER B 7 16.31 -7.44 6.57
CA SER B 7 15.88 -8.77 6.97
C SER B 7 15.25 -8.64 8.35
N GLY B 8 13.98 -8.98 8.46
CA GLY B 8 13.23 -8.77 9.68
C GLY B 8 12.26 -9.89 9.97
N PRO B 9 11.81 -9.98 11.22
CA PRO B 9 11.03 -11.15 11.64
C PRO B 9 9.64 -11.22 11.04
N GLY B 10 9.06 -10.10 10.60
CA GLY B 10 7.65 -10.10 10.24
C GLY B 10 6.81 -10.03 11.50
N LEU B 11 6.45 -11.18 12.08
CA LEU B 11 5.71 -11.21 13.34
C LEU B 11 6.68 -11.30 14.52
N VAL B 12 6.46 -10.47 15.55
CA VAL B 12 7.21 -10.52 16.79
C VAL B 12 6.23 -10.37 17.95
N ALA B 13 6.41 -11.17 18.98
CA ALA B 13 5.57 -11.07 20.16
C ALA B 13 5.96 -9.87 21.02
N PRO B 14 4.99 -9.22 21.66
CA PRO B 14 5.33 -8.04 22.49
C PRO B 14 6.24 -8.37 23.65
N SER B 15 6.36 -9.64 24.02
CA SER B 15 7.31 -10.05 25.06
C SER B 15 8.75 -10.10 24.56
N GLN B 16 8.97 -10.00 23.25
CA GLN B 16 10.28 -10.09 22.64
C GLN B 16 10.81 -8.69 22.34
N SER B 17 12.04 -8.64 21.86
CA SER B 17 12.61 -7.42 21.29
C SER B 17 12.56 -7.52 19.77
N LEU B 18 12.24 -6.42 19.11
CA LEU B 18 12.27 -6.35 17.66
C LEU B 18 13.71 -6.21 17.21
N SER B 19 14.16 -7.08 16.31
CA SER B 19 15.52 -7.06 15.80
C SER B 19 15.47 -7.10 14.28
N ILE B 20 16.13 -6.14 13.63
CA ILE B 20 16.15 -6.06 12.17
C ILE B 20 17.60 -5.89 11.73
N THR B 21 17.97 -6.54 10.64
CA THR B 21 19.29 -6.39 10.04
C THR B 21 19.17 -5.67 8.69
N CYS B 22 20.12 -4.78 8.43
CA CYS B 22 20.23 -4.06 7.16
C CYS B 22 21.59 -4.39 6.58
N THR B 23 21.61 -5.08 5.44
CA THR B 23 22.86 -5.38 4.75
C THR B 23 23.03 -4.36 3.62
N VAL B 24 24.17 -3.67 3.63
CA VAL B 24 24.42 -2.58 2.70
C VAL B 24 25.46 -3.03 1.68
N SER B 25 25.51 -2.31 0.57
CA SER B 25 26.54 -2.54 -0.43
C SER B 25 26.67 -1.29 -1.29
N GLY B 26 27.91 -0.98 -1.70
CA GLY B 26 28.17 0.14 -2.57
C GLY B 26 28.76 1.35 -1.90
N PHE B 27 28.88 1.34 -0.58
CA PHE B 27 29.48 2.44 0.15
C PHE B 27 30.12 1.91 1.42
N SER B 28 30.95 2.74 2.03
CA SER B 28 31.71 2.37 3.22
C SER B 28 30.92 2.68 4.48
N LEU B 29 30.63 1.65 5.27
CA LEU B 29 29.98 1.87 6.55
C LEU B 29 30.89 2.59 7.54
N ILE B 30 32.20 2.50 7.34
CA ILE B 30 33.14 3.21 8.20
C ILE B 30 33.08 4.72 7.94
N SER B 31 32.70 5.11 6.72
CA SER B 31 32.69 6.52 6.35
C SER B 31 31.31 7.16 6.44
N TYR B 32 30.24 6.41 6.20
CA TYR B 32 28.90 6.97 6.08
C TYR B 32 27.97 6.44 7.15
N GLY B 33 27.08 7.30 7.60
CA GLY B 33 26.07 6.90 8.55
C GLY B 33 24.89 6.19 7.91
N VAL B 34 24.17 5.42 8.72
CA VAL B 34 23.00 4.69 8.28
C VAL B 34 21.88 4.97 9.27
N SER B 35 20.70 5.31 8.76
CA SER B 35 19.59 5.70 9.60
C SER B 35 18.48 4.66 9.52
N TRP B 36 17.60 4.69 10.52
CA TRP B 36 16.37 3.89 10.49
C TRP B 36 15.16 4.81 10.57
N VAL B 37 14.14 4.51 9.75
CA VAL B 37 12.91 5.28 9.64
C VAL B 37 11.78 4.26 9.69
N ARG B 38 10.64 4.63 10.27
CA ARG B 38 9.48 3.73 10.23
C ARG B 38 8.23 4.47 9.84
N GLN B 39 7.26 3.68 9.37
CA GLN B 39 6.00 4.20 8.83
C GLN B 39 4.89 3.24 9.24
N PRO B 40 4.12 3.58 10.26
CA PRO B 40 2.96 2.78 10.60
C PRO B 40 1.98 2.73 9.43
N PRO B 41 1.20 1.65 9.32
CA PRO B 41 0.26 1.54 8.19
C PRO B 41 -0.66 2.75 8.11
N GLY B 42 -0.68 3.37 6.93
CA GLY B 42 -1.57 4.51 6.70
C GLY B 42 -1.13 5.82 7.30
N LYS B 43 0.09 5.90 7.81
CA LYS B 43 0.54 7.08 8.52
C LYS B 43 1.85 7.61 7.90
N GLY B 44 2.45 8.57 8.55
CA GLY B 44 3.62 9.25 8.03
C GLY B 44 4.93 8.59 8.43
N LEU B 45 6.01 9.34 8.20
CA LEU B 45 7.36 8.85 8.40
C LEU B 45 7.90 9.35 9.73
N GLU B 46 8.59 8.48 10.45
CA GLU B 46 9.25 8.82 11.70
C GLU B 46 10.69 8.33 11.70
N TRP B 47 11.64 9.25 11.93
CA TRP B 47 13.04 8.89 12.06
C TRP B 47 13.30 8.30 13.44
N LEU B 48 13.96 7.16 13.47
CA LEU B 48 14.29 6.49 14.73
C LEU B 48 15.68 6.82 15.25
N GLY B 49 16.68 6.82 14.39
CA GLY B 49 18.04 7.07 14.83
C GLY B 49 18.99 6.78 13.69
N VAL B 50 20.27 6.95 14.02
CA VAL B 50 21.37 6.84 13.08
C VAL B 50 22.61 6.32 13.81
N ILE B 51 23.41 5.55 13.07
CA ILE B 51 24.75 5.15 13.51
C ILE B 51 25.77 5.70 12.51
N TRP B 52 26.73 6.44 13.01
CA TRP B 52 27.65 7.16 12.15
C TRP B 52 28.84 6.29 11.79
N GLY B 53 29.70 6.81 10.93
CA GLY B 53 30.84 6.03 10.46
C GLY B 53 31.69 5.51 11.60
N ASP B 54 31.94 6.34 12.61
CA ASP B 54 32.80 5.94 13.73
C ASP B 54 32.07 5.13 14.80
N GLY B 55 30.81 4.81 14.61
CA GLY B 55 30.07 4.04 15.57
C GLY B 55 29.24 4.85 16.55
N SER B 56 29.38 6.18 16.55
CA SER B 56 28.51 6.99 17.40
C SER B 56 27.06 6.89 16.90
N THR B 57 26.12 7.10 17.83
CA THR B 57 24.69 6.95 17.52
C THR B 57 23.90 8.13 18.05
N ASN B 58 22.83 8.47 17.33
CA ASN B 58 21.86 9.46 17.76
C ASN B 58 20.49 8.83 17.66
N TYR B 59 19.63 9.09 18.64
CA TYR B 59 18.28 8.54 18.67
C TYR B 59 17.22 9.63 18.79
N HIS B 60 16.04 9.35 18.24
CA HIS B 60 14.89 10.23 18.45
C HIS B 60 14.54 10.31 19.94
N SER B 61 14.40 11.55 20.44
CA SER B 61 14.26 11.74 21.88
C SER B 61 13.06 10.99 22.45
N THR B 62 11.96 10.95 21.71
CA THR B 62 10.76 10.30 22.22
C THR B 62 10.98 8.80 22.43
N LEU B 63 11.88 8.19 21.65
CA LEU B 63 12.08 6.75 21.66
C LEU B 63 13.47 6.37 22.13
N ILE B 64 14.26 7.33 22.64
CA ILE B 64 15.65 7.08 22.97
C ILE B 64 15.78 5.95 24.00
N SER B 65 14.79 5.81 24.89
CA SER B 65 14.86 4.80 25.93
C SER B 65 14.61 3.39 25.40
N ARG B 66 14.09 3.24 24.19
CA ARG B 66 13.74 1.93 23.67
C ARG B 66 14.63 1.44 22.54
N LEU B 67 15.38 2.34 21.89
CA LEU B 67 16.10 1.99 20.67
C LEU B 67 17.57 1.74 20.95
N SER B 68 18.13 0.80 20.19
CA SER B 68 19.57 0.58 20.18
C SER B 68 20.00 0.22 18.76
N ILE B 69 21.02 0.89 18.27
CA ILE B 69 21.54 0.61 16.92
C ILE B 69 23.01 0.27 17.08
N ASN B 70 23.44 -0.82 16.44
CA ASN B 70 24.86 -1.16 16.39
C ASN B 70 25.17 -1.66 14.97
N LYS B 71 26.43 -2.04 14.73
CA LYS B 71 26.79 -2.44 13.38
C LYS B 71 28.04 -3.31 13.40
N ASP B 72 28.26 -3.97 12.27
CA ASP B 72 29.49 -4.68 11.96
C ASP B 72 29.98 -4.15 10.62
N ASN B 73 31.06 -3.36 10.65
CA ASN B 73 31.58 -2.77 9.43
C ASN B 73 32.08 -3.85 8.47
N SER B 74 32.78 -4.86 8.99
CA SER B 74 33.39 -5.86 8.14
C SER B 74 32.36 -6.63 7.33
N LYS B 75 31.17 -6.82 7.90
CA LYS B 75 30.08 -7.49 7.20
C LYS B 75 29.15 -6.52 6.48
N SER B 76 29.40 -5.21 6.58
CA SER B 76 28.51 -4.21 6.02
C SER B 76 27.08 -4.43 6.51
N GLN B 77 26.94 -4.62 7.82
CA GLN B 77 25.63 -4.87 8.42
C GLN B 77 25.35 -3.87 9.53
N VAL B 78 24.10 -3.40 9.59
CA VAL B 78 23.61 -2.52 10.63
C VAL B 78 22.43 -3.21 11.31
N PHE B 79 22.36 -3.12 12.62
CA PHE B 79 21.38 -3.84 13.43
C PHE B 79 20.54 -2.85 14.24
N LEU B 80 19.24 -2.96 14.12
CA LEU B 80 18.30 -2.18 14.92
C LEU B 80 17.66 -3.11 15.94
N LYS B 81 17.50 -2.63 17.16
CA LYS B 81 16.87 -3.37 18.25
C LYS B 81 15.91 -2.41 18.95
N LEU B 82 14.65 -2.78 19.01
CA LEU B 82 13.62 -1.96 19.66
C LEU B 82 13.02 -2.79 20.77
N ASN B 83 12.99 -2.23 21.98
CA ASN B 83 12.52 -2.90 23.18
CA ASN B 83 12.51 -2.93 23.16
C ASN B 83 11.19 -2.31 23.63
N SER B 84 10.64 -2.87 24.71
CA SER B 84 9.37 -2.45 25.28
C SER B 84 8.29 -2.33 24.21
N LEU B 85 8.10 -3.41 23.46
CA LEU B 85 7.21 -3.38 22.29
C LEU B 85 5.75 -3.33 22.70
N GLN B 86 4.96 -2.65 21.86
CA GLN B 86 3.51 -2.68 21.95
C GLN B 86 2.94 -2.85 20.55
N THR B 87 1.65 -3.18 20.48
CA THR B 87 1.04 -3.39 19.17
C THR B 87 1.22 -2.17 18.27
N ASP B 88 1.29 -0.98 18.84
CA ASP B 88 1.43 0.23 18.03
C ASP B 88 2.86 0.42 17.51
N ASP B 89 3.77 -0.52 17.74
CA ASP B 89 5.06 -0.52 17.03
C ASP B 89 4.99 -1.23 15.67
N THR B 90 3.84 -1.79 15.34
CA THR B 90 3.63 -2.38 14.01
C THR B 90 3.84 -1.32 12.94
N ALA B 91 4.76 -1.55 12.03
CA ALA B 91 5.13 -0.54 11.06
C ALA B 91 6.06 -1.14 10.01
N THR B 92 6.20 -0.43 8.87
CA THR B 92 7.25 -0.72 7.90
C THR B 92 8.52 0.01 8.34
N TYR B 93 9.60 -0.74 8.48
CA TYR B 93 10.89 -0.21 8.91
C TYR B 93 11.87 -0.17 7.73
N TYR B 94 12.47 0.99 7.51
CA TYR B 94 13.42 1.25 6.44
C TYR B 94 14.78 1.57 7.02
N CYS B 95 15.82 0.99 6.46
CA CYS B 95 17.18 1.52 6.63
C CYS B 95 17.52 2.44 5.46
N VAL B 96 18.29 3.49 5.75
CA VAL B 96 18.50 4.57 4.80
C VAL B 96 19.98 4.90 4.80
N GLY B 97 20.57 4.93 3.60
CA GLY B 97 22.00 5.09 3.46
C GLY B 97 22.43 6.55 3.39
N PRO B 98 23.55 6.80 2.74
CA PRO B 98 24.12 8.14 2.78
C PRO B 98 23.20 9.14 2.06
N ARG B 99 23.23 10.37 2.58
CA ARG B 99 22.50 11.51 2.04
C ARG B 99 21.00 11.30 2.05
N PHE B 100 20.53 10.23 2.69
CA PHE B 100 19.10 9.90 2.70
C PHE B 100 18.57 9.71 1.28
N ALA B 101 19.46 9.36 0.34
CA ALA B 101 19.10 9.24 -1.06
C ALA B 101 18.85 7.80 -1.47
N TYR B 102 19.31 6.83 -0.69
CA TYR B 102 19.10 5.41 -0.96
C TYR B 102 18.34 4.81 0.21
N TRP B 103 17.21 4.17 -0.08
CA TRP B 103 16.38 3.55 0.92
C TRP B 103 16.26 2.06 0.65
N GLY B 104 16.23 1.27 1.71
CA GLY B 104 15.82 -0.12 1.59
C GLY B 104 14.38 -0.22 1.14
N GLN B 105 14.00 -1.45 0.72
CA GLN B 105 12.63 -1.70 0.31
C GLN B 105 11.64 -1.61 1.47
N GLY B 106 12.11 -1.75 2.69
CA GLY B 106 11.25 -1.69 3.86
C GLY B 106 10.77 -3.07 4.26
N THR B 107 10.68 -3.35 5.55
CA THR B 107 10.17 -4.62 6.04
C THR B 107 9.03 -4.32 7.03
N LEU B 108 7.88 -4.93 6.81
CA LEU B 108 6.73 -4.72 7.67
C LEU B 108 6.86 -5.65 8.86
N VAL B 109 7.02 -5.08 10.05
CA VAL B 109 7.02 -5.82 11.31
C VAL B 109 5.69 -5.63 12.01
N THR B 110 5.10 -6.74 12.44
CA THR B 110 3.83 -6.75 13.15
C THR B 110 4.09 -7.22 14.57
N VAL B 111 3.63 -6.43 15.54
CA VAL B 111 3.75 -6.79 16.95
C VAL B 111 2.42 -7.35 17.40
N SER B 112 2.42 -8.63 17.78
CA SER B 112 1.18 -9.32 18.16
C SER B 112 1.54 -10.63 18.84
N ALA B 113 0.66 -11.05 19.74
CA ALA B 113 0.79 -12.34 20.37
C ALA B 113 0.15 -13.45 19.56
N ALA B 114 -0.60 -13.10 18.51
CA ALA B 114 -1.22 -14.10 17.66
C ALA B 114 -0.15 -14.91 16.93
N SER B 115 -0.61 -15.95 16.24
CA SER B 115 0.27 -16.85 15.52
C SER B 115 0.21 -16.56 14.02
N THR B 116 1.28 -16.92 13.34
CA THR B 116 1.34 -16.79 11.90
C THR B 116 0.37 -17.78 11.24
N LYS B 117 -0.20 -17.36 10.12
CA LYS B 117 -1.11 -18.23 9.37
C LYS B 117 -1.05 -17.89 7.89
N GLY B 118 -0.81 -18.89 7.06
CA GLY B 118 -0.70 -18.69 5.63
C GLY B 118 -2.08 -18.65 5.01
N PRO B 119 -2.22 -18.00 3.86
CA PRO B 119 -3.54 -17.85 3.25
C PRO B 119 -3.98 -19.05 2.43
N SER B 120 -5.28 -19.11 2.20
CA SER B 120 -5.87 -19.87 1.11
C SER B 120 -6.10 -18.94 -0.08
N VAL B 121 -5.87 -19.44 -1.29
CA VAL B 121 -6.00 -18.63 -2.49
C VAL B 121 -7.13 -19.23 -3.35
N PHE B 122 -8.18 -18.45 -3.62
CA PHE B 122 -9.33 -18.89 -4.39
C PHE B 122 -9.46 -18.08 -5.66
N PRO B 123 -9.93 -18.70 -6.74
CA PRO B 123 -10.09 -17.96 -7.98
C PRO B 123 -11.35 -17.10 -8.00
N LEU B 124 -11.24 -15.94 -8.66
CA LEU B 124 -12.41 -15.11 -9.01
C LEU B 124 -12.58 -15.27 -10.53
N ALA B 125 -13.44 -16.20 -10.94
CA ALA B 125 -13.41 -16.64 -12.35
C ALA B 125 -14.13 -15.63 -13.24
N PRO B 126 -13.64 -15.40 -14.48
CA PRO B 126 -14.33 -14.46 -15.37
C PRO B 126 -15.74 -14.95 -15.68
N SER B 127 -16.69 -14.02 -15.64
CA SER B 127 -18.11 -14.35 -15.81
C SER B 127 -18.39 -14.85 -17.22
N SER B 128 -19.45 -15.65 -17.34
CA SER B 128 -19.86 -16.18 -18.63
C SER B 128 -20.77 -15.19 -19.36
N GLY B 133 -13.30 -5.52 -28.03
CA GLY B 133 -14.36 -6.49 -28.31
C GLY B 133 -14.95 -7.09 -27.05
N GLY B 134 -14.98 -6.30 -25.98
CA GLY B 134 -15.47 -6.76 -24.71
C GLY B 134 -14.34 -6.95 -23.70
N THR B 135 -14.50 -6.39 -22.50
CA THR B 135 -13.52 -6.51 -21.45
C THR B 135 -14.06 -7.40 -20.34
N ALA B 136 -13.26 -8.37 -19.90
CA ALA B 136 -13.61 -9.26 -18.81
C ALA B 136 -12.68 -9.03 -17.64
N ALA B 137 -13.16 -9.34 -16.45
CA ALA B 137 -12.35 -9.20 -15.25
C ALA B 137 -12.20 -10.58 -14.61
N LEU B 138 -11.01 -10.84 -14.08
CA LEU B 138 -10.75 -12.05 -13.29
C LEU B 138 -9.84 -11.67 -12.14
N GLY B 139 -9.71 -12.58 -11.19
CA GLY B 139 -8.79 -12.30 -10.10
C GLY B 139 -8.56 -13.46 -9.17
N CYS B 140 -7.98 -13.15 -8.00
CA CYS B 140 -7.91 -14.14 -6.95
CA CYS B 140 -7.80 -14.11 -6.92
C CYS B 140 -8.12 -13.48 -5.60
N LEU B 141 -8.71 -14.27 -4.70
CA LEU B 141 -8.98 -13.91 -3.31
C LEU B 141 -7.99 -14.63 -2.43
N VAL B 142 -7.21 -13.85 -1.68
CA VAL B 142 -6.18 -14.34 -0.77
C VAL B 142 -6.76 -14.18 0.62
N LYS B 143 -7.24 -15.28 1.21
CA LYS B 143 -8.12 -15.23 2.38
C LYS B 143 -7.43 -15.83 3.59
N ASP B 144 -7.66 -15.21 4.74
CA ASP B 144 -7.39 -15.73 6.09
C ASP B 144 -5.90 -15.97 6.33
N TYR B 145 -5.15 -14.85 6.36
CA TYR B 145 -3.72 -14.91 6.66
C TYR B 145 -3.35 -13.90 7.74
N PHE B 146 -2.20 -14.15 8.37
CA PHE B 146 -1.70 -13.25 9.41
C PHE B 146 -0.23 -13.49 9.61
N PRO B 147 0.57 -12.44 9.78
CA PRO B 147 0.25 -11.00 9.66
C PRO B 147 0.31 -10.53 8.22
N GLU B 148 0.14 -9.23 7.98
CA GLU B 148 0.55 -8.66 6.70
C GLU B 148 2.07 -8.77 6.53
N PRO B 149 2.57 -8.62 5.32
CA PRO B 149 1.86 -8.42 4.06
C PRO B 149 1.80 -9.66 3.17
N VAL B 150 0.98 -9.59 2.12
CA VAL B 150 0.97 -10.53 1.02
C VAL B 150 1.32 -9.75 -0.24
N THR B 151 2.12 -10.35 -1.12
CA THR B 151 2.36 -9.81 -2.45
C THR B 151 1.69 -10.68 -3.52
N VAL B 152 1.25 -10.05 -4.62
CA VAL B 152 0.58 -10.73 -5.71
C VAL B 152 1.14 -10.21 -7.03
N SER B 153 1.53 -11.13 -7.89
CA SER B 153 1.84 -10.82 -9.28
C SER B 153 0.97 -11.70 -10.17
N TRP B 154 1.03 -11.46 -11.48
CA TRP B 154 0.24 -12.24 -12.43
C TRP B 154 1.16 -12.74 -13.54
N ASN B 155 1.02 -14.03 -13.86
CA ASN B 155 1.84 -14.70 -14.86
C ASN B 155 3.33 -14.42 -14.65
N SER B 156 3.75 -14.50 -13.38
CA SER B 156 5.14 -14.33 -12.98
C SER B 156 5.67 -12.96 -13.40
N GLY B 157 4.83 -11.94 -13.31
CA GLY B 157 5.20 -10.60 -13.68
C GLY B 157 5.07 -10.28 -15.15
N ALA B 158 4.69 -11.25 -15.98
CA ALA B 158 4.51 -10.97 -17.40
C ALA B 158 3.24 -10.15 -17.66
N LEU B 159 2.31 -10.15 -16.72
CA LEU B 159 1.04 -9.43 -16.87
C LEU B 159 0.98 -8.34 -15.81
N THR B 160 1.07 -7.08 -16.25
CA THR B 160 1.02 -5.95 -15.33
C THR B 160 -0.09 -4.96 -15.71
N SER B 161 -0.39 -4.86 -17.00
CA SER B 161 -1.38 -3.89 -17.47
C SER B 161 -2.76 -4.32 -17.01
N GLY B 162 -3.50 -3.39 -16.41
CA GLY B 162 -4.84 -3.68 -15.97
C GLY B 162 -4.94 -4.36 -14.62
N VAL B 163 -3.86 -4.52 -13.92
CA VAL B 163 -3.85 -5.22 -12.64
C VAL B 163 -4.15 -4.25 -11.52
N HIS B 164 -5.02 -4.64 -10.61
CA HIS B 164 -5.27 -3.88 -9.39
C HIS B 164 -5.18 -4.85 -8.22
N THR B 165 -4.21 -4.64 -7.33
CA THR B 165 -4.12 -5.40 -6.09
C THR B 165 -4.52 -4.48 -4.93
N PHE B 166 -5.56 -4.87 -4.22
CA PHE B 166 -6.22 -3.98 -3.26
C PHE B 166 -5.58 -4.05 -1.89
N PRO B 167 -5.78 -2.99 -1.08
CA PRO B 167 -5.40 -3.07 0.33
C PRO B 167 -6.09 -4.19 1.04
N ALA B 168 -5.38 -4.87 1.94
CA ALA B 168 -5.99 -5.93 2.73
C ALA B 168 -6.99 -5.36 3.73
N VAL B 169 -7.98 -6.17 4.10
CA VAL B 169 -8.93 -5.81 5.14
C VAL B 169 -8.77 -6.81 6.28
N LEU B 170 -8.94 -6.32 7.51
CA LEU B 170 -8.83 -7.15 8.70
C LEU B 170 -10.22 -7.64 9.07
N GLN B 171 -10.44 -8.95 8.98
CA GLN B 171 -11.71 -9.55 9.30
C GLN B 171 -11.89 -9.60 10.82
N SER B 172 -13.14 -9.85 11.24
CA SER B 172 -13.42 -9.93 12.67
C SER B 172 -12.65 -11.05 13.36
N SER B 173 -12.24 -12.07 12.61
CA SER B 173 -11.47 -13.18 13.16
C SER B 173 -10.05 -12.80 13.51
N GLY B 174 -9.61 -11.59 13.18
CA GLY B 174 -8.22 -11.22 13.34
C GLY B 174 -7.33 -11.62 12.18
N LEU B 175 -7.89 -12.19 11.13
CA LEU B 175 -7.15 -12.56 9.93
C LEU B 175 -7.44 -11.58 8.79
N TYR B 176 -6.44 -11.40 7.93
CA TYR B 176 -6.58 -10.52 6.79
C TYR B 176 -7.11 -11.25 5.55
N SER B 177 -7.69 -10.47 4.63
CA SER B 177 -8.13 -10.96 3.32
C SER B 177 -7.82 -9.85 2.30
N LEU B 178 -7.39 -10.26 1.12
CA LEU B 178 -6.98 -9.39 0.05
C LEU B 178 -7.48 -9.90 -1.28
N SER B 179 -7.79 -9.00 -2.19
CA SER B 179 -8.12 -9.39 -3.56
C SER B 179 -7.15 -8.76 -4.55
N SER B 180 -6.88 -9.46 -5.64
CA SER B 180 -6.16 -8.92 -6.79
C SER B 180 -6.97 -9.23 -8.04
N VAL B 181 -7.16 -8.26 -8.94
CA VAL B 181 -7.90 -8.45 -10.18
C VAL B 181 -7.07 -7.95 -11.36
N VAL B 182 -7.49 -8.37 -12.54
CA VAL B 182 -6.97 -7.87 -13.81
C VAL B 182 -8.10 -7.91 -14.83
N THR B 183 -8.14 -6.91 -15.70
CA THR B 183 -9.05 -6.88 -16.83
C THR B 183 -8.30 -7.26 -18.10
N VAL B 184 -8.94 -8.06 -18.94
CA VAL B 184 -8.34 -8.57 -20.18
C VAL B 184 -9.39 -8.55 -21.28
N PRO B 185 -9.02 -8.68 -22.55
CA PRO B 185 -10.03 -8.85 -23.59
C PRO B 185 -10.80 -10.15 -23.38
N SER B 186 -12.11 -10.07 -23.52
CA SER B 186 -12.92 -11.27 -23.37
C SER B 186 -12.49 -12.37 -24.35
N SER B 187 -12.06 -11.98 -25.55
CA SER B 187 -11.63 -12.94 -26.55
C SER B 187 -10.39 -13.72 -26.16
N SER B 188 -9.74 -13.40 -25.05
CA SER B 188 -8.54 -14.12 -24.64
C SER B 188 -8.82 -15.15 -23.57
N LEU B 189 -10.02 -15.19 -23.00
CA LEU B 189 -10.29 -16.07 -21.87
C LEU B 189 -10.14 -17.55 -22.24
N GLY B 190 -10.31 -17.88 -23.51
CA GLY B 190 -10.21 -19.26 -23.92
C GLY B 190 -8.87 -19.71 -24.45
N THR B 191 -7.91 -18.80 -24.56
CA THR B 191 -6.63 -19.07 -25.19
C THR B 191 -5.44 -18.63 -24.38
N GLN B 192 -5.58 -17.68 -23.46
CA GLN B 192 -4.52 -17.25 -22.57
C GLN B 192 -4.69 -17.93 -21.22
N THR B 193 -3.57 -18.19 -20.57
CA THR B 193 -3.55 -18.74 -19.22
C THR B 193 -3.25 -17.63 -18.23
N TYR B 194 -4.02 -17.57 -17.16
CA TYR B 194 -3.90 -16.53 -16.14
C TYR B 194 -3.60 -17.16 -14.80
N ILE B 195 -2.47 -16.81 -14.22
CA ILE B 195 -2.01 -17.37 -12.96
C ILE B 195 -1.67 -16.22 -11.99
N CYS B 196 -2.24 -16.25 -10.81
CA CYS B 196 -1.84 -15.29 -9.78
C CYS B 196 -0.86 -15.91 -8.80
N ASN B 197 0.27 -15.24 -8.64
CA ASN B 197 1.38 -15.70 -7.80
C ASN B 197 1.33 -14.94 -6.49
N VAL B 198 1.08 -15.65 -5.40
CA VAL B 198 0.84 -15.09 -4.07
C VAL B 198 2.01 -15.48 -3.17
N ASN B 199 2.56 -14.51 -2.45
CA ASN B 199 3.64 -14.77 -1.52
C ASN B 199 3.27 -14.16 -0.19
N HIS B 200 3.23 -14.99 0.87
CA HIS B 200 3.08 -14.54 2.25
C HIS B 200 4.40 -14.82 2.96
N LYS B 201 5.31 -13.85 2.89
CA LYS B 201 6.64 -14.10 3.43
C LYS B 201 6.62 -14.40 4.92
N PRO B 202 5.76 -13.76 5.73
CA PRO B 202 5.81 -14.03 7.18
C PRO B 202 5.64 -15.50 7.54
N SER B 203 4.96 -16.26 6.69
CA SER B 203 4.80 -17.69 6.90
C SER B 203 5.55 -18.53 5.87
N ASN B 204 6.34 -17.91 5.00
CA ASN B 204 6.98 -18.60 3.88
C ASN B 204 5.97 -19.45 3.12
N THR B 205 4.79 -18.91 2.91
CA THR B 205 3.72 -19.60 2.19
C THR B 205 3.56 -18.96 0.83
N LYS B 206 3.80 -19.74 -0.23
CA LYS B 206 3.65 -19.27 -1.60
C LYS B 206 2.66 -20.16 -2.33
N VAL B 207 1.82 -19.54 -3.16
CA VAL B 207 0.85 -20.26 -3.97
C VAL B 207 0.80 -19.65 -5.37
N ASP B 208 0.71 -20.51 -6.39
CA ASP B 208 0.39 -20.10 -7.75
C ASP B 208 -0.98 -20.68 -8.10
N LYS B 209 -1.96 -19.82 -8.37
CA LYS B 209 -3.32 -20.26 -8.60
C LYS B 209 -3.75 -19.91 -10.03
N ARG B 210 -4.06 -20.92 -10.83
CA ARG B 210 -4.59 -20.69 -12.17
C ARG B 210 -6.05 -20.26 -12.06
N VAL B 211 -6.42 -19.21 -12.79
CA VAL B 211 -7.79 -18.73 -12.83
C VAL B 211 -8.34 -18.91 -14.25
N GLU B 212 -9.43 -19.63 -14.38
CA GLU B 212 -10.00 -19.89 -15.70
C GLU B 212 -11.51 -19.79 -15.66
N PRO B 213 -12.14 -19.59 -16.81
CA PRO B 213 -13.62 -19.57 -16.85
C PRO B 213 -14.16 -20.88 -16.32
N LYS B 214 -15.27 -20.81 -15.58
CA LYS B 214 -15.86 -22.00 -14.98
C LYS B 214 -16.48 -22.90 -16.05
N SER B 215 -16.30 -24.20 -15.89
CA SER B 215 -16.81 -25.18 -16.83
C SER B 215 -18.29 -25.48 -16.57
C1 CIT C . 19.30 15.19 4.91
O1 CIT C . 18.71 15.91 5.75
O2 CIT C . 18.63 14.70 3.96
C2 CIT C . 20.78 14.89 5.08
C3 CIT C . 21.66 15.84 4.27
O7 CIT C . 21.31 15.70 2.87
C4 CIT C . 21.58 17.33 4.64
C5 CIT C . 21.16 17.57 6.07
O3 CIT C . 20.18 18.32 6.31
O4 CIT C . 21.79 17.06 7.02
C6 CIT C . 23.11 15.41 4.46
O5 CIT C . 23.88 15.31 3.48
O6 CIT C . 23.50 15.13 5.60
H21 CIT C . 21.04 14.96 6.14
H22 CIT C . 20.96 13.87 4.76
HO7 CIT C . 22.09 15.34 2.38
H41 CIT C . 20.86 17.81 3.98
H42 CIT C . 22.54 17.78 4.48
C1 CIT D . 14.30 25.17 20.66
O1 CIT D . 13.48 25.82 19.95
O2 CIT D . 14.16 25.15 21.90
C2 CIT D . 15.44 24.44 19.98
C3 CIT D . 14.89 23.28 19.17
O7 CIT D . 14.40 23.79 17.89
C4 CIT D . 15.94 22.21 18.91
C5 CIT D . 16.78 22.65 17.73
O3 CIT D . 17.56 23.63 17.82
O4 CIT D . 16.71 22.05 16.66
C6 CIT D . 13.69 22.69 19.93
O5 CIT D . 12.53 23.08 19.68
O6 CIT D . 13.88 21.84 20.83
H21 CIT D . 16.15 24.07 20.73
H22 CIT D . 15.99 25.12 19.31
HO7 CIT D . 13.44 23.65 17.83
H41 CIT D . 16.56 22.07 19.80
H42 CIT D . 15.46 21.25 18.70
C1 GOL E . -12.25 -6.46 0.27
O1 GOL E . -12.70 -7.05 -0.94
C2 GOL E . -10.73 -6.75 0.41
O2 GOL E . -10.48 -8.14 0.64
C3 GOL E . -10.04 -6.25 -0.86
O3 GOL E . -8.59 -6.63 -0.73
H11 GOL E . -12.72 -6.81 1.04
H12 GOL E . -12.39 -5.51 0.27
HO1 GOL E . -13.34 -6.58 -1.20
H2 GOL E . -10.38 -6.27 1.18
HO2 GOL E . -10.93 -8.35 1.35
H31 GOL E . -10.18 -5.31 -0.95
H32 GOL E . -10.47 -6.65 -1.62
HO3 GOL E . -8.28 -5.98 -0.29
C1 GOL F . 17.29 17.28 19.53
O1 GOL F . 17.12 17.89 18.27
C2 GOL F . 17.83 18.37 20.48
O2 GOL F . 17.81 17.94 21.82
C3 GOL F . 19.28 18.61 20.00
O3 GOL F . 19.23 19.69 19.08
H11 GOL F . 17.92 16.53 19.51
H12 GOL F . 16.47 16.92 19.89
HO1 GOL F . 16.37 17.64 17.98
H2 GOL F . 17.30 19.17 20.44
HO2 GOL F . 18.13 18.56 22.29
H31 GOL F . 19.63 17.80 19.61
H32 GOL F . 19.84 18.79 20.77
#